data_7L5F
#
_entry.id   7L5F
#
_cell.length_a   54.699
_cell.length_b   55.662
_cell.length_c   80.582
_cell.angle_alpha   90.000
_cell.angle_beta   90.000
_cell.angle_gamma   90.000
#
_symmetry.space_group_name_H-M   'P 21 21 21'
#
loop_
_entity.id
_entity.type
_entity.pdbx_description
1 polymer 'N-acyl homoserine lactonase AiiA'
2 non-polymer GLYCEROL
3 non-polymer 'COBALT (II) ION'
4 non-polymer '4-(decanoylamino)butanoic acid'
5 water water
#
_entity_poly.entity_id   1
_entity_poly.type   'polypeptide(L)'
_entity_poly.pdbx_seq_one_letter_code
;MTVKKLYFIPAGRCMLDHSSVNSALTPGKLLNLPVWCYLLETEEGPILVDTGMPESAVNNEGLFNGTFVEGQILPKMTEE
DRIVNILKRVGYEPDDLLYIISSHLHFDHAGGNGAFTNTPIIVQRTEYEAALHREEYMKECILPHLNYKIIEGDYEVVPG
VQLLYTPGHSPGHQSLFIETEQSGSVLLTIDASYTKENFEDEVPFAGFDPELALSSIKRLKEVVKKEKPIIFFGHDIEQE
KSCRVFPEYI
;
_entity_poly.pdbx_strand_id   A
#
loop_
_chem_comp.id
_chem_comp.type
_chem_comp.name
_chem_comp.formula
CO non-polymer 'COBALT (II) ION' 'Co 2'
GOL non-polymer GLYCEROL 'C3 H8 O3'
XNG non-polymer '4-(decanoylamino)butanoic acid' 'C14 H27 N O3'
#
# COMPACT_ATOMS: atom_id res chain seq x y z
N MET A 1 -8.35 20.99 -9.62
N MET A 1 -8.68 19.89 -11.90
CA MET A 1 -8.19 19.89 -10.57
CA MET A 1 -8.02 19.84 -10.60
C MET A 1 -8.30 18.54 -9.84
N THR A 2 -8.91 17.57 -10.51
CA THR A 2 -9.18 16.26 -9.95
C THR A 2 -8.48 15.20 -10.77
N VAL A 3 -8.31 14.01 -10.16
CA VAL A 3 -7.86 12.81 -10.84
C VAL A 3 -8.96 12.28 -11.76
N LYS A 4 -8.57 11.78 -12.93
CA LYS A 4 -9.59 11.40 -13.90
C LYS A 4 -10.16 10.03 -13.55
N LYS A 5 -9.30 9.09 -13.17
CA LYS A 5 -9.70 7.73 -12.85
C LYS A 5 -8.82 7.22 -11.73
N LEU A 6 -9.43 6.56 -10.75
CA LEU A 6 -8.71 5.89 -9.68
C LEU A 6 -9.07 4.42 -9.90
N TYR A 7 -8.10 3.57 -10.27
CA TYR A 7 -8.30 2.12 -10.39
C TYR A 7 -7.73 1.36 -9.18
N PHE A 8 -8.52 0.41 -8.67
CA PHE A 8 -8.07 -0.58 -7.68
C PHE A 8 -7.63 -1.82 -8.45
N ILE A 9 -6.38 -2.19 -8.32
CA ILE A 9 -5.86 -3.30 -9.13
C ILE A 9 -5.37 -4.43 -8.25
N PRO A 10 -6.04 -5.58 -8.26
CA PRO A 10 -5.54 -6.74 -7.49
C PRO A 10 -4.14 -7.13 -7.96
N ALA A 11 -3.26 -7.35 -6.99
CA ALA A 11 -1.85 -7.63 -7.29
C ALA A 11 -1.40 -8.89 -6.56
N GLY A 12 -2.22 -9.95 -6.62
CA GLY A 12 -1.94 -11.15 -5.85
C GLY A 12 -2.54 -11.04 -4.46
N ARG A 13 -2.17 -12.00 -3.60
CA ARG A 13 -2.76 -12.09 -2.27
C ARG A 13 -1.68 -12.52 -1.27
N CYS A 14 -2.04 -12.51 0.01
CA CYS A 14 -1.07 -12.91 1.04
C CYS A 14 -1.83 -13.51 2.22
N MET A 15 -1.41 -14.68 2.68
CA MET A 15 -1.95 -15.26 3.92
C MET A 15 -1.27 -14.58 5.10
N LEU A 16 -2.07 -14.14 6.05
CA LEU A 16 -1.58 -13.62 7.33
C LEU A 16 -2.36 -14.28 8.46
N ASP A 17 -1.67 -14.55 9.57
CA ASP A 17 -2.38 -15.02 10.75
C ASP A 17 -3.36 -13.95 11.24
N HIS A 18 -4.46 -14.41 11.82
CA HIS A 18 -5.51 -13.44 11.93
C HIS A 18 -5.25 -12.53 13.15
N SER A 19 -4.28 -12.88 13.98
CA SER A 19 -3.73 -11.96 14.99
C SER A 19 -3.06 -10.74 14.38
N SER A 20 -2.72 -10.77 13.09
CA SER A 20 -2.17 -9.55 12.48
C SER A 20 -3.25 -8.50 12.16
N VAL A 21 -4.52 -8.92 12.04
CA VAL A 21 -5.59 -7.94 11.83
C VAL A 21 -6.30 -7.59 13.13
N ASN A 22 -6.13 -8.38 14.18
CA ASN A 22 -6.67 -8.11 15.51
C ASN A 22 -5.67 -8.72 16.51
N SER A 23 -4.85 -7.85 17.10
CA SER A 23 -3.75 -8.27 17.97
C SER A 23 -4.23 -9.05 19.17
N ALA A 24 -5.51 -8.98 19.48
CA ALA A 24 -6.07 -9.73 20.60
C ALA A 24 -6.25 -11.20 20.27
N LEU A 25 -6.45 -11.57 19.01
CA LEU A 25 -6.83 -12.94 18.70
C LEU A 25 -5.69 -13.92 18.93
N THR A 26 -6.05 -15.15 19.26
CA THR A 26 -5.06 -16.20 19.45
C THR A 26 -4.56 -16.68 18.08
N PRO A 27 -3.25 -16.72 17.86
CA PRO A 27 -2.73 -17.20 16.57
C PRO A 27 -3.21 -18.61 16.25
N GLY A 28 -3.41 -18.87 14.96
CA GLY A 28 -3.79 -20.21 14.54
C GLY A 28 -4.74 -20.30 13.37
N LYS A 29 -5.24 -19.18 12.85
CA LYS A 29 -6.10 -19.16 11.67
C LYS A 29 -5.52 -18.18 10.67
N LEU A 30 -5.19 -18.67 9.48
CA LEU A 30 -4.69 -17.80 8.42
C LEU A 30 -5.85 -17.20 7.65
N LEU A 31 -5.63 -15.99 7.14
CA LEU A 31 -6.59 -15.25 6.33
C LEU A 31 -5.95 -14.97 4.98
N ASN A 32 -6.68 -15.24 3.91
CA ASN A 32 -6.18 -14.99 2.55
C ASN A 32 -6.56 -13.56 2.18
N LEU A 33 -5.60 -12.60 2.38
CA LEU A 33 -5.90 -11.18 2.26
C LEU A 33 -5.51 -10.64 0.90
N PRO A 34 -6.22 -9.61 0.42
CA PRO A 34 -5.88 -9.00 -0.87
C PRO A 34 -4.60 -8.17 -0.77
N VAL A 35 -3.82 -8.19 -1.85
CA VAL A 35 -2.73 -7.23 -2.05
C VAL A 35 -3.18 -6.29 -3.17
N TRP A 36 -3.02 -4.99 -2.99
CA TRP A 36 -3.52 -3.99 -3.92
C TRP A 36 -2.38 -3.15 -4.47
N CYS A 37 -2.54 -2.73 -5.73
CA CYS A 37 -1.90 -1.50 -6.18
C CYS A 37 -3.00 -0.60 -6.74
N TYR A 38 -2.69 0.68 -6.91
CA TYR A 38 -3.67 1.63 -7.42
C TYR A 38 -3.08 2.42 -8.57
N LEU A 39 -3.89 2.64 -9.60
CA LEU A 39 -3.45 3.41 -10.75
C LEU A 39 -4.30 4.67 -10.83
N LEU A 40 -3.63 5.81 -10.89
CA LEU A 40 -4.27 7.12 -10.96
C LEU A 40 -4.01 7.69 -12.34
N GLU A 41 -5.08 7.94 -13.11
CA GLU A 41 -4.93 8.63 -14.38
C GLU A 41 -5.12 10.11 -14.12
N THR A 42 -4.07 10.92 -14.35
CA THR A 42 -4.17 12.33 -13.99
C THR A 42 -3.86 13.11 -15.27
N GLU A 43 -4.24 14.39 -15.27
CA GLU A 43 -3.79 15.40 -16.21
C GLU A 43 -2.32 15.31 -16.57
N GLU A 44 -1.47 15.07 -15.56
CA GLU A 44 -0.02 15.07 -15.72
C GLU A 44 0.53 13.72 -16.15
N GLY A 45 -0.27 12.66 -16.10
CA GLY A 45 0.21 11.34 -16.46
C GLY A 45 -0.21 10.30 -15.44
N PRO A 46 0.07 9.03 -15.70
CA PRO A 46 -0.37 7.97 -14.79
C PRO A 46 0.58 7.82 -13.60
N ILE A 47 0.00 7.59 -12.44
CA ILE A 47 0.75 7.44 -11.20
C ILE A 47 0.38 6.08 -10.60
N LEU A 48 1.39 5.31 -10.21
CA LEU A 48 1.16 3.98 -9.65
C LEU A 48 1.42 4.05 -8.14
N VAL A 49 0.45 3.63 -7.34
CA VAL A 49 0.61 3.53 -5.89
C VAL A 49 0.88 2.08 -5.58
N ASP A 50 2.11 1.82 -5.09
CA ASP A 50 2.63 0.51 -4.70
C ASP A 50 2.79 -0.45 -5.87
N THR A 51 3.60 -1.50 -5.67
CA THR A 51 4.14 -2.24 -6.81
C THR A 51 4.07 -3.74 -6.58
N GLY A 52 3.26 -4.19 -5.65
CA GLY A 52 3.06 -5.62 -5.46
C GLY A 52 4.24 -6.31 -4.78
N MET A 53 4.28 -7.62 -4.93
CA MET A 53 5.24 -8.47 -4.21
C MET A 53 6.47 -8.77 -5.05
N PRO A 54 7.57 -9.18 -4.41
CA PRO A 54 8.83 -9.42 -5.16
C PRO A 54 8.79 -10.72 -5.96
N GLU A 55 9.63 -10.75 -7.00
CA GLU A 55 9.97 -11.96 -7.76
C GLU A 55 10.10 -13.24 -6.94
N SER A 56 10.80 -13.14 -5.81
CA SER A 56 11.04 -14.30 -4.97
C SER A 56 9.76 -14.90 -4.41
N ALA A 57 8.67 -14.14 -4.37
CA ALA A 57 7.40 -14.65 -3.88
C ALA A 57 6.61 -15.46 -4.91
N VAL A 58 7.01 -15.44 -6.19
CA VAL A 58 6.22 -16.13 -7.22
C VAL A 58 6.25 -17.64 -6.98
N ASN A 59 5.08 -18.25 -6.86
CA ASN A 59 4.96 -19.70 -6.68
C ASN A 59 5.81 -20.16 -5.51
N ASN A 60 5.84 -19.35 -4.44
CA ASN A 60 6.74 -19.62 -3.33
C ASN A 60 6.09 -19.16 -2.02
N GLU A 61 5.01 -19.85 -1.62
CA GLU A 61 4.36 -19.59 -0.35
C GLU A 61 5.30 -19.68 0.84
N GLY A 62 6.35 -20.50 0.73
CA GLY A 62 7.30 -20.68 1.83
C GLY A 62 8.42 -19.66 1.88
N LEU A 63 8.23 -18.50 1.24
CA LEU A 63 9.29 -17.51 1.13
C LEU A 63 9.92 -17.17 2.50
N PHE A 64 9.10 -17.11 3.54
CA PHE A 64 9.56 -16.68 4.84
C PHE A 64 9.84 -17.84 5.80
N ASN A 65 9.94 -19.07 5.27
CA ASN A 65 10.47 -20.16 6.06
C ASN A 65 11.88 -19.80 6.49
N GLY A 66 12.22 -20.10 7.75
CA GLY A 66 13.51 -19.77 8.29
C GLY A 66 13.63 -18.38 8.86
N THR A 67 12.57 -17.58 8.83
CA THR A 67 12.63 -16.22 9.35
C THR A 67 11.75 -16.10 10.58
N PHE A 68 11.81 -14.95 11.21
CA PHE A 68 11.00 -14.75 12.40
C PHE A 68 9.52 -14.76 12.10
N VAL A 69 9.10 -14.92 10.85
CA VAL A 69 7.68 -14.71 10.61
C VAL A 69 7.20 -15.97 9.88
N GLU A 70 8.06 -16.99 9.89
CA GLU A 70 7.74 -18.29 9.29
C GLU A 70 6.37 -18.77 9.74
N GLY A 71 5.60 -19.26 8.76
CA GLY A 71 4.30 -19.79 9.01
C GLY A 71 3.22 -18.76 9.26
N GLN A 72 3.57 -17.48 9.39
CA GLN A 72 2.51 -16.55 9.73
C GLN A 72 2.31 -15.53 8.62
N ILE A 73 3.17 -15.55 7.61
CA ILE A 73 3.01 -14.76 6.37
C ILE A 73 3.35 -15.68 5.19
N LEU A 74 2.40 -15.88 4.28
CA LEU A 74 2.63 -16.75 3.12
C LEU A 74 2.13 -16.02 1.89
N PRO A 75 3.02 -15.53 1.02
CA PRO A 75 2.55 -14.82 -0.17
C PRO A 75 1.87 -15.76 -1.16
N LYS A 76 0.82 -15.25 -1.81
CA LYS A 76 0.03 -15.99 -2.81
C LYS A 76 0.17 -15.26 -4.14
N MET A 77 1.24 -15.57 -4.88
CA MET A 77 1.58 -14.73 -6.01
C MET A 77 1.93 -15.65 -7.17
N THR A 78 1.36 -15.40 -8.34
CA THR A 78 1.71 -16.13 -9.56
C THR A 78 2.50 -15.22 -10.51
N GLU A 79 2.99 -15.82 -11.60
CA GLU A 79 3.73 -15.00 -12.55
C GLU A 79 2.89 -13.82 -13.06
N GLU A 80 1.57 -14.01 -13.19
CA GLU A 80 0.67 -12.94 -13.64
C GLU A 80 0.64 -11.74 -12.70
N ASP A 81 1.02 -11.93 -11.43
CA ASP A 81 0.94 -10.89 -10.42
C ASP A 81 2.20 -10.04 -10.34
N ARG A 82 3.24 -10.36 -11.12
CA ARG A 82 4.39 -9.47 -11.22
C ARG A 82 3.94 -8.11 -11.74
N ILE A 83 4.41 -7.02 -11.12
CA ILE A 83 3.85 -5.71 -11.45
C ILE A 83 4.07 -5.38 -12.93
N VAL A 84 5.16 -5.82 -13.53
CA VAL A 84 5.31 -5.46 -14.95
C VAL A 84 4.25 -6.15 -15.79
N ASN A 85 3.83 -7.36 -15.40
CA ASN A 85 2.78 -8.06 -16.13
C ASN A 85 1.43 -7.41 -15.91
N ILE A 86 1.13 -7.04 -14.66
CA ILE A 86 -0.08 -6.29 -14.37
C ILE A 86 -0.13 -5.04 -15.23
N LEU A 87 0.96 -4.26 -15.22
CA LEU A 87 0.98 -3.01 -15.96
C LEU A 87 0.79 -3.27 -17.45
N LYS A 88 1.49 -4.26 -17.99
CA LYS A 88 1.37 -4.52 -19.43
C LYS A 88 -0.06 -4.87 -19.80
N ARG A 89 -0.72 -5.67 -18.96
CA ARG A 89 -2.10 -6.02 -19.27
C ARG A 89 -3.01 -4.79 -19.24
N VAL A 90 -2.79 -3.89 -18.28
CA VAL A 90 -3.58 -2.67 -18.18
C VAL A 90 -3.25 -1.71 -19.33
N GLY A 91 -2.04 -1.77 -19.87
CA GLY A 91 -1.65 -0.90 -20.96
C GLY A 91 -0.45 0.02 -20.73
N TYR A 92 0.48 -0.33 -19.84
CA TYR A 92 1.63 0.54 -19.55
C TYR A 92 2.93 -0.26 -19.48
N GLU A 93 4.05 0.40 -19.80
CA GLU A 93 5.37 -0.09 -19.43
C GLU A 93 5.92 0.77 -18.30
N PRO A 94 6.90 0.27 -17.52
CA PRO A 94 7.36 1.06 -16.36
C PRO A 94 7.78 2.48 -16.68
N ASP A 95 8.45 2.70 -17.83
CA ASP A 95 8.89 4.07 -18.11
C ASP A 95 7.75 5.00 -18.54
N ASP A 96 6.52 4.49 -18.68
CA ASP A 96 5.38 5.35 -18.97
C ASP A 96 4.89 6.13 -17.76
N LEU A 97 5.26 5.69 -16.56
CA LEU A 97 4.66 6.21 -15.34
C LEU A 97 5.28 7.54 -14.98
N LEU A 98 4.42 8.45 -14.51
CA LEU A 98 4.89 9.75 -14.04
C LEU A 98 5.62 9.62 -12.72
N TYR A 99 5.01 8.93 -11.76
CA TYR A 99 5.54 8.69 -10.43
C TYR A 99 5.10 7.30 -9.98
N ILE A 100 5.95 6.70 -9.11
CA ILE A 100 5.57 5.63 -8.20
C ILE A 100 5.41 6.26 -6.83
N ILE A 101 4.35 5.89 -6.11
CA ILE A 101 4.19 6.27 -4.70
C ILE A 101 4.30 5.00 -3.87
N SER A 102 5.29 4.97 -2.96
CA SER A 102 5.40 3.84 -2.04
C SER A 102 4.73 4.25 -0.74
N SER A 103 3.58 3.64 -0.45
CA SER A 103 2.96 3.88 0.85
C SER A 103 3.93 3.55 1.98
N HIS A 104 4.63 2.44 1.84
CA HIS A 104 5.66 2.01 2.76
C HIS A 104 6.43 0.92 2.04
N LEU A 105 7.49 0.42 2.67
CA LEU A 105 8.38 -0.49 1.96
C LEU A 105 8.26 -1.93 2.43
N HIS A 106 7.13 -2.30 3.06
CA HIS A 106 6.82 -3.70 3.28
C HIS A 106 6.76 -4.44 1.95
N PHE A 107 7.00 -5.76 2.03
CA PHE A 107 7.28 -6.53 0.82
C PHE A 107 6.08 -6.62 -0.11
N ASP A 108 4.85 -6.49 0.40
CA ASP A 108 3.66 -6.53 -0.45
C ASP A 108 3.31 -5.17 -1.04
N HIS A 109 4.13 -4.14 -0.77
CA HIS A 109 3.92 -2.81 -1.31
C HIS A 109 5.07 -2.30 -2.17
N ALA A 110 6.29 -2.81 -1.95
CA ALA A 110 7.49 -2.32 -2.63
C ALA A 110 8.25 -3.45 -3.29
N GLY A 111 7.67 -4.66 -3.36
CA GLY A 111 8.41 -5.79 -3.89
C GLY A 111 8.75 -5.62 -5.35
N GLY A 112 7.96 -4.83 -6.08
CA GLY A 112 8.16 -4.53 -7.47
C GLY A 112 8.96 -3.29 -7.78
N ASN A 113 9.52 -2.61 -6.75
CA ASN A 113 10.13 -1.31 -7.01
C ASN A 113 11.31 -1.42 -7.99
N GLY A 114 12.06 -2.54 -7.97
CA GLY A 114 13.23 -2.65 -8.83
C GLY A 114 12.92 -2.58 -10.31
N ALA A 115 11.66 -2.81 -10.69
CA ALA A 115 11.28 -2.72 -12.10
C ALA A 115 11.27 -1.28 -12.62
N PHE A 116 11.27 -0.29 -11.74
CA PHE A 116 11.16 1.11 -12.11
C PHE A 116 12.49 1.78 -11.83
N THR A 117 13.34 1.88 -12.85
CA THR A 117 14.69 2.38 -12.62
C THR A 117 14.84 3.82 -13.07
N ASN A 118 13.85 4.38 -13.75
CA ASN A 118 13.84 5.79 -14.14
C ASN A 118 12.78 6.61 -13.44
N THR A 119 11.61 6.04 -13.17
CA THR A 119 10.50 6.79 -12.60
C THR A 119 10.84 7.24 -11.18
N PRO A 120 10.53 8.48 -10.81
CA PRO A 120 10.73 8.86 -9.40
C PRO A 120 9.82 8.05 -8.49
N ILE A 121 10.39 7.51 -7.41
CA ILE A 121 9.67 6.74 -6.41
C ILE A 121 9.55 7.59 -5.16
N ILE A 122 8.34 8.01 -4.85
CA ILE A 122 8.09 8.93 -3.74
C ILE A 122 7.90 8.11 -2.46
N VAL A 123 8.80 8.31 -1.50
CA VAL A 123 8.79 7.55 -0.25
C VAL A 123 9.20 8.46 0.90
N GLN A 124 8.61 8.23 2.07
CA GLN A 124 8.94 9.01 3.25
C GLN A 124 10.39 8.74 3.68
N ARG A 125 11.05 9.80 4.12
CA ARG A 125 12.42 9.65 4.62
C ARG A 125 12.48 8.69 5.80
N THR A 126 11.49 8.77 6.70
CA THR A 126 11.55 7.89 7.86
C THR A 126 11.32 6.43 7.49
N GLU A 127 10.62 6.16 6.39
CA GLU A 127 10.44 4.79 5.92
C GLU A 127 11.71 4.29 5.24
N TYR A 128 12.25 5.09 4.33
CA TYR A 128 13.51 4.77 3.67
C TYR A 128 14.60 4.46 4.69
N GLU A 129 14.75 5.32 5.68
CA GLU A 129 15.83 5.12 6.64
C GLU A 129 15.61 3.86 7.48
N ALA A 130 14.34 3.56 7.83
CA ALA A 130 14.07 2.36 8.58
C ALA A 130 14.35 1.12 7.76
N ALA A 131 14.03 1.16 6.45
CA ALA A 131 14.19 -0.01 5.62
C ALA A 131 15.65 -0.39 5.45
N LEU A 132 16.56 0.57 5.62
CA LEU A 132 17.97 0.29 5.52
C LEU A 132 18.46 -0.63 6.62
N HIS A 133 17.77 -0.72 7.77
CA HIS A 133 18.32 -1.53 8.85
C HIS A 133 17.33 -2.44 9.58
N ARG A 134 16.03 -2.21 9.54
CA ARG A 134 15.11 -3.00 10.34
C ARG A 134 14.90 -4.36 9.69
N GLU A 135 14.68 -5.37 10.53
CA GLU A 135 14.72 -6.74 10.05
C GLU A 135 13.48 -7.12 9.26
N GLU A 136 12.38 -6.40 9.39
CA GLU A 136 11.18 -6.77 8.65
C GLU A 136 11.20 -6.29 7.19
N TYR A 137 12.32 -5.79 6.67
CA TYR A 137 12.40 -5.34 5.28
C TYR A 137 13.23 -6.29 4.43
N MET A 138 12.76 -6.50 3.20
CA MET A 138 13.44 -7.35 2.25
C MET A 138 14.36 -6.51 1.38
N LYS A 139 15.46 -7.11 0.96
CA LYS A 139 16.41 -6.37 0.14
C LYS A 139 15.78 -5.87 -1.17
N GLU A 140 14.82 -6.63 -1.73
CA GLU A 140 14.12 -6.21 -2.95
C GLU A 140 13.40 -4.88 -2.79
N CYS A 141 13.12 -4.48 -1.55
CA CYS A 141 12.30 -3.32 -1.27
C CYS A 141 13.12 -2.08 -0.97
N ILE A 142 14.44 -2.18 -0.98
CA ILE A 142 15.26 -1.03 -0.61
C ILE A 142 16.49 -1.01 -1.52
N LEU A 143 16.29 -1.32 -2.79
CA LEU A 143 17.40 -1.34 -3.72
C LEU A 143 18.10 0.01 -3.78
N PRO A 144 19.40 0.04 -3.85
CA PRO A 144 20.13 1.29 -3.59
C PRO A 144 20.09 2.36 -4.69
N HIS A 145 19.90 1.98 -5.96
CA HIS A 145 20.17 2.94 -7.03
C HIS A 145 18.93 3.35 -7.82
N LEU A 146 17.74 3.12 -7.27
CA LEU A 146 16.50 3.59 -7.88
C LEU A 146 16.39 5.10 -7.74
N ASN A 147 15.48 5.70 -8.51
CA ASN A 147 15.34 7.16 -8.51
C ASN A 147 14.39 7.62 -7.40
N TYR A 148 14.86 7.52 -6.17
CA TYR A 148 14.04 7.88 -5.02
C TYR A 148 13.81 9.38 -4.99
N LYS A 149 12.56 9.75 -4.74
CA LYS A 149 12.13 11.11 -4.41
C LYS A 149 11.73 11.07 -2.94
N ILE A 150 12.68 11.37 -2.08
CA ILE A 150 12.49 11.25 -0.65
C ILE A 150 11.75 12.48 -0.15
N ILE A 151 10.62 12.29 0.56
CA ILE A 151 9.84 13.41 1.07
C ILE A 151 9.73 13.27 2.58
N GLU A 152 9.32 14.37 3.24
CA GLU A 152 9.22 14.39 4.71
C GLU A 152 7.87 15.01 5.09
N GLY A 153 6.91 14.17 5.46
CA GLY A 153 5.63 14.66 5.93
C GLY A 153 4.56 14.67 4.86
N ASP A 154 3.56 15.55 5.01
CA ASP A 154 2.51 15.64 3.99
C ASP A 154 3.07 16.20 2.70
N TYR A 155 2.46 15.84 1.58
CA TYR A 155 3.03 16.19 0.29
C TYR A 155 1.97 16.17 -0.80
N GLU A 156 1.93 17.21 -1.64
CA GLU A 156 1.06 17.17 -2.81
C GLU A 156 1.83 16.64 -4.00
N VAL A 157 1.37 15.52 -4.57
CA VAL A 157 2.09 14.93 -5.68
C VAL A 157 1.76 15.66 -6.97
N VAL A 158 0.48 15.78 -7.27
CA VAL A 158 -0.08 16.58 -8.37
C VAL A 158 -1.41 17.07 -7.84
N PRO A 159 -2.06 18.04 -8.46
CA PRO A 159 -3.37 18.47 -7.94
C PRO A 159 -4.33 17.29 -7.89
N GLY A 160 -5.02 17.15 -6.74
CA GLY A 160 -5.90 16.03 -6.53
C GLY A 160 -5.27 14.80 -5.89
N VAL A 161 -3.94 14.79 -5.67
CA VAL A 161 -3.26 13.64 -5.08
C VAL A 161 -2.43 14.13 -3.90
N GLN A 162 -2.93 13.88 -2.68
CA GLN A 162 -2.28 14.30 -1.45
C GLN A 162 -1.78 13.07 -0.70
N LEU A 163 -0.54 13.15 -0.23
CA LEU A 163 0.01 12.14 0.68
C LEU A 163 -0.12 12.65 2.11
N LEU A 164 -0.62 11.79 2.99
CA LEU A 164 -0.82 12.09 4.42
C LEU A 164 0.12 11.21 5.22
N TYR A 165 1.01 11.83 5.97
CA TYR A 165 1.96 11.09 6.78
C TYR A 165 1.23 10.37 7.91
N THR A 166 1.28 9.03 7.90
CA THR A 166 0.52 8.21 8.87
C THR A 166 1.42 7.12 9.45
N PRO A 167 2.48 7.50 10.15
CA PRO A 167 3.43 6.51 10.69
C PRO A 167 2.81 5.69 11.82
N GLY A 168 3.40 4.53 12.07
CA GLY A 168 2.97 3.68 13.16
C GLY A 168 2.96 2.23 12.74
N HIS A 169 2.17 1.90 11.73
CA HIS A 169 2.24 0.56 11.17
C HIS A 169 3.65 0.26 10.69
N SER A 170 4.30 1.24 10.06
CA SER A 170 5.72 1.19 9.77
C SER A 170 6.23 2.59 10.09
N PRO A 171 7.55 2.78 10.16
CA PRO A 171 8.06 4.07 10.68
C PRO A 171 7.75 5.27 9.79
N GLY A 172 7.62 5.08 8.48
CA GLY A 172 7.30 6.20 7.60
C GLY A 172 6.10 5.92 6.70
N HIS A 173 5.13 5.22 7.24
CA HIS A 173 3.95 4.89 6.43
C HIS A 173 3.20 6.15 6.03
N GLN A 174 2.66 6.16 4.80
CA GLN A 174 1.84 7.28 4.33
C GLN A 174 0.60 6.76 3.63
N SER A 175 -0.48 7.50 3.81
CA SER A 175 -1.80 7.25 3.23
C SER A 175 -2.06 8.25 2.11
N LEU A 176 -3.15 8.03 1.37
CA LEU A 176 -3.47 8.89 0.23
C LEU A 176 -4.85 9.51 0.39
N PHE A 177 -4.94 10.81 0.11
CA PHE A 177 -6.22 11.49 0.01
C PHE A 177 -6.34 11.98 -1.43
N ILE A 178 -7.32 11.45 -2.16
CA ILE A 178 -7.45 11.66 -3.60
C ILE A 178 -8.80 12.33 -3.90
N GLU A 179 -8.79 13.30 -4.81
CA GLU A 179 -10.02 13.89 -5.30
C GLU A 179 -10.23 13.39 -6.71
N THR A 180 -11.27 12.58 -6.93
CA THR A 180 -11.54 12.06 -8.27
C THR A 180 -12.71 12.77 -8.91
N GLU A 181 -12.66 12.83 -10.24
CA GLU A 181 -13.75 13.40 -11.02
C GLU A 181 -15.08 12.71 -10.74
N GLN A 182 -15.09 11.37 -10.65
CA GLN A 182 -16.35 10.68 -10.53
C GLN A 182 -16.89 10.63 -9.11
N SER A 183 -16.01 10.62 -8.10
CA SER A 183 -16.42 10.28 -6.73
C SER A 183 -16.13 11.36 -5.70
N GLY A 184 -15.39 12.41 -6.04
CA GLY A 184 -14.97 13.33 -5.00
C GLY A 184 -13.86 12.76 -4.14
N SER A 185 -13.94 13.04 -2.84
CA SER A 185 -12.86 12.75 -1.91
C SER A 185 -12.81 11.26 -1.59
N VAL A 186 -11.61 10.69 -1.71
CA VAL A 186 -11.34 9.28 -1.44
C VAL A 186 -10.15 9.20 -0.50
N LEU A 187 -10.29 8.46 0.59
CA LEU A 187 -9.18 8.19 1.50
C LEU A 187 -8.76 6.73 1.34
N LEU A 188 -7.52 6.53 0.87
CA LEU A 188 -6.89 5.20 0.88
C LEU A 188 -6.02 5.12 2.13
N THR A 189 -6.49 4.40 3.16
CA THR A 189 -5.67 4.31 4.38
C THR A 189 -4.36 3.57 4.13
N ILE A 190 -4.35 2.69 3.14
CA ILE A 190 -3.34 1.65 2.98
C ILE A 190 -3.21 0.98 4.34
N ASP A 191 -1.99 0.77 4.83
CA ASP A 191 -1.86 -0.07 6.03
C ASP A 191 -1.91 0.74 7.32
N ALA A 192 -2.33 2.00 7.24
CA ALA A 192 -2.70 2.69 8.48
C ALA A 192 -3.94 2.08 9.11
N SER A 193 -4.67 1.24 8.37
CA SER A 193 -5.69 0.37 8.95
C SER A 193 -5.84 -0.78 7.97
N TYR A 194 -5.51 -1.99 8.41
CA TYR A 194 -5.78 -3.16 7.59
C TYR A 194 -7.27 -3.28 7.29
N THR A 195 -8.11 -3.10 8.31
CA THR A 195 -9.54 -3.36 8.20
C THR A 195 -10.35 -2.18 8.71
N LYS A 196 -11.64 -2.18 8.35
CA LYS A 196 -12.58 -1.18 8.84
C LYS A 196 -12.59 -1.09 10.36
N GLU A 197 -12.52 -2.25 11.04
CA GLU A 197 -12.58 -2.21 12.50
C GLU A 197 -11.27 -1.69 13.12
N ASN A 198 -10.13 -1.85 12.44
CA ASN A 198 -8.90 -1.19 12.93
C ASN A 198 -9.09 0.32 12.96
N PHE A 199 -9.82 0.87 11.99
CA PHE A 199 -10.02 2.30 11.86
C PHE A 199 -11.18 2.79 12.75
N GLU A 200 -12.39 2.29 12.51
CA GLU A 200 -13.59 2.76 13.22
C GLU A 200 -13.52 2.41 14.71
N ASP A 201 -13.15 1.18 15.02
CA ASP A 201 -13.20 0.72 16.38
C ASP A 201 -11.83 0.70 17.03
N GLU A 202 -10.79 1.14 16.30
CA GLU A 202 -9.43 1.22 16.81
C GLU A 202 -8.96 -0.12 17.39
N VAL A 203 -9.34 -1.20 16.72
CA VAL A 203 -8.84 -2.54 17.04
C VAL A 203 -7.36 -2.62 16.70
N PRO A 204 -6.47 -2.96 17.63
CA PRO A 204 -5.03 -2.99 17.30
C PRO A 204 -4.74 -4.06 16.25
N PHE A 205 -3.69 -3.80 15.46
CA PHE A 205 -3.27 -4.70 14.40
C PHE A 205 -1.74 -4.62 14.29
N ALA A 206 -1.18 -5.42 13.38
CA ALA A 206 0.27 -5.53 13.30
C ALA A 206 0.90 -4.18 12.99
N GLY A 207 1.96 -3.84 13.71
CA GLY A 207 2.66 -2.60 13.44
C GLY A 207 3.94 -2.42 14.22
N PHE A 208 4.89 -1.70 13.60
CA PHE A 208 6.02 -1.10 14.32
C PHE A 208 5.77 -0.46 15.68
N ASP A 209 4.82 0.45 15.75
CA ASP A 209 4.59 1.28 16.92
C ASP A 209 3.09 1.48 17.01
N PRO A 210 2.39 0.59 17.73
CA PRO A 210 0.93 0.67 17.75
C PRO A 210 0.41 1.95 18.37
N GLU A 211 1.09 2.54 19.35
CA GLU A 211 0.66 3.82 19.90
C GLU A 211 0.67 4.91 18.84
N LEU A 212 1.74 4.95 18.03
CA LEU A 212 1.83 5.88 16.91
C LEU A 212 0.78 5.59 15.85
N ALA A 213 0.55 4.30 15.55
CA ALA A 213 -0.50 3.94 14.60
C ALA A 213 -1.86 4.45 15.05
N LEU A 214 -2.13 4.39 16.34
CA LEU A 214 -3.40 4.92 16.84
C LEU A 214 -3.47 6.43 16.65
N SER A 215 -2.39 7.14 16.95
CA SER A 215 -2.47 8.59 16.74
C SER A 215 -2.60 8.94 15.26
N SER A 216 -2.04 8.12 14.35
CA SER A 216 -2.26 8.41 12.93
C SER A 216 -3.70 8.15 12.51
N ILE A 217 -4.32 7.10 13.08
CA ILE A 217 -5.75 6.87 12.87
C ILE A 217 -6.56 8.07 13.35
N LYS A 218 -6.23 8.59 14.55
CA LYS A 218 -6.94 9.74 15.07
C LYS A 218 -6.76 10.96 14.17
N ARG A 219 -5.56 11.13 13.62
CA ARG A 219 -5.36 12.19 12.66
C ARG A 219 -6.25 12.01 11.43
N LEU A 220 -6.28 10.79 10.88
CA LEU A 220 -7.13 10.52 9.73
C LEU A 220 -8.60 10.75 10.07
N LYS A 221 -9.01 10.42 11.30
CA LYS A 221 -10.41 10.68 11.67
C LYS A 221 -10.74 12.16 11.65
N GLU A 222 -9.75 13.03 11.96
CA GLU A 222 -9.99 14.46 11.87
C GLU A 222 -10.19 14.88 10.41
N VAL A 223 -9.36 14.35 9.52
CA VAL A 223 -9.53 14.60 8.08
C VAL A 223 -10.91 14.12 7.63
N VAL A 224 -11.33 12.95 8.11
CA VAL A 224 -12.61 12.37 7.71
C VAL A 224 -13.76 13.27 8.17
N LYS A 225 -13.68 13.78 9.40
CA LYS A 225 -14.72 14.70 9.87
C LYS A 225 -14.83 15.95 9.01
N LYS A 226 -13.71 16.44 8.49
CA LYS A 226 -13.73 17.65 7.66
C LYS A 226 -14.14 17.37 6.22
N GLU A 227 -13.67 16.25 5.64
CA GLU A 227 -13.80 16.05 4.20
C GLU A 227 -14.88 15.03 3.82
N LYS A 228 -15.34 14.19 4.76
CA LYS A 228 -16.34 13.18 4.46
C LYS A 228 -16.03 12.28 3.26
N PRO A 229 -14.84 11.70 3.18
CA PRO A 229 -14.50 10.88 2.02
C PRO A 229 -15.11 9.49 2.07
N ILE A 230 -15.08 8.81 0.96
CA ILE A 230 -15.23 7.36 1.01
C ILE A 230 -13.87 6.74 1.33
N ILE A 231 -13.86 5.71 2.16
CA ILE A 231 -12.65 5.23 2.81
C ILE A 231 -12.42 3.78 2.44
N PHE A 232 -11.19 3.46 2.02
CA PHE A 232 -10.79 2.11 1.64
C PHE A 232 -9.60 1.68 2.46
N PHE A 233 -9.67 0.47 3.01
CA PHE A 233 -8.67 -0.03 3.94
C PHE A 233 -7.69 -0.95 3.23
N GLY A 234 -6.58 -1.23 3.90
CA GLY A 234 -5.45 -1.82 3.19
C GLY A 234 -5.56 -3.31 2.91
N HIS A 235 -6.12 -4.09 3.83
CA HIS A 235 -6.12 -5.57 3.69
C HIS A 235 -7.41 -6.13 4.29
N ASP A 236 -8.55 -5.78 3.69
CA ASP A 236 -9.86 -5.99 4.32
C ASP A 236 -10.67 -6.96 3.45
N ILE A 237 -10.80 -8.21 3.92
CA ILE A 237 -11.54 -9.23 3.16
C ILE A 237 -13.00 -8.84 3.01
N GLU A 238 -13.58 -8.23 4.06
CA GLU A 238 -15.00 -7.89 3.98
C GLU A 238 -15.23 -6.77 2.96
N GLN A 239 -14.49 -5.66 3.10
CA GLN A 239 -14.67 -4.55 2.17
C GLN A 239 -14.34 -4.97 0.74
N GLU A 240 -13.37 -5.88 0.57
CA GLU A 240 -13.01 -6.33 -0.77
C GLU A 240 -14.21 -6.83 -1.56
N LYS A 241 -15.23 -7.39 -0.88
CA LYS A 241 -16.36 -8.01 -1.58
C LYS A 241 -17.17 -6.98 -2.37
N SER A 242 -17.16 -5.72 -1.94
CA SER A 242 -17.97 -4.69 -2.57
C SER A 242 -17.14 -3.65 -3.31
N CYS A 243 -15.82 -3.79 -3.32
CA CYS A 243 -14.95 -2.85 -4.03
C CYS A 243 -15.10 -2.98 -5.55
N ARG A 244 -15.38 -1.86 -6.23
CA ARG A 244 -15.11 -1.64 -7.66
C ARG A 244 -13.65 -1.89 -8.02
N VAL A 245 -13.33 -2.88 -8.84
CA VAL A 245 -11.94 -3.11 -9.23
C VAL A 245 -11.82 -2.99 -10.74
N PHE A 246 -10.58 -2.85 -11.19
CA PHE A 246 -10.24 -2.78 -12.60
C PHE A 246 -11.02 -3.84 -13.38
N PRO A 247 -11.67 -3.49 -14.51
CA PRO A 247 -11.58 -2.24 -15.30
C PRO A 247 -12.48 -1.11 -14.82
N GLU A 248 -13.25 -1.37 -13.77
CA GLU A 248 -14.05 -0.33 -13.15
C GLU A 248 -13.11 0.62 -12.39
N TYR A 249 -13.57 1.86 -12.20
CA TYR A 249 -12.78 2.88 -11.52
C TYR A 249 -13.71 3.79 -10.73
N ILE A 250 -13.12 4.58 -9.85
CA ILE A 250 -13.90 5.52 -9.08
C ILE A 250 -13.34 6.91 -9.27
C1 GOL B . -7.06 -7.54 -14.50
O1 GOL B . -8.03 -7.47 -15.64
C2 GOL B . -5.71 -6.72 -14.74
O2 GOL B . -4.47 -7.22 -14.05
C3 GOL B . -5.61 -6.88 -16.16
O3 GOL B . -5.39 -8.19 -16.31
CO CO C . 0.34 -4.39 3.43
CO CO D . 2.41 -3.10 5.80
C1 XNG E . 3.17 -7.61 5.52
C10 XNG E . 6.31 -7.76 8.50
C11 XNG E . 6.66 -8.87 7.52
C12 XNG E . 8.15 -9.15 7.39
C13 XNG E . 8.39 -9.71 6.01
C14 XNG E . 9.88 -9.68 5.71
C15 XNG E . 10.64 -10.33 6.86
C16 XNG E . 11.75 -11.22 6.34
C17 XNG E . 12.59 -10.41 5.39
C2 XNG E . 1.69 -7.81 5.80
C3 XNG E . 0.87 -6.74 5.10
C4 XNG E . 1.62 -5.44 5.33
C8 XNG E . 5.20 -6.82 6.48
C9 XNG E . 6.00 -6.48 7.73
N7 XNG E . 3.88 -7.02 6.64
O18 XNG E . 5.76 -6.90 5.39
O5 XNG E . 1.71 -5.09 6.52
O6 XNG E . 2.12 -4.78 4.39
#